data_6MLC
#
_entry.id   6MLC
#
_cell.length_a   85.939
_cell.length_b   85.939
_cell.length_c   98.733
_cell.angle_alpha   90.000
_cell.angle_beta   90.000
_cell.angle_gamma   120.000
#
_symmetry.space_group_name_H-M   'P 6'
#
loop_
_entity.id
_entity.type
_entity.pdbx_description
1 polymer 'Histone-lysine N-methyltransferase 2C'
2 polymer 'Histone H4'
3 non-polymer 'ZINC ION'
4 non-polymer GLYCEROL
5 non-polymer 'UNKNOWN ATOM OR ION'
6 water water
#
loop_
_entity_poly.entity_id
_entity_poly.type
_entity_poly.pdbx_seq_one_letter_code
_entity_poly.pdbx_strand_id
1 'polypeptide(L)'
;GSVWCRHCGATSAGLRCEWQNNYTQCAPCASLSSCPVCYRNYREEDLILQCRQCDRWMHAVCQNLNTEEEVENVADIGFD
CSMCRPYMPASN
;
A,B,C,D
2 'polypeptide(L)' SGRGKGGKGLGKGGAKRHRK E,F
#
# COMPACT_ATOMS: atom_id res chain seq x y z
N SER A 2 -26.96 -8.89 -28.56
CA SER A 2 -26.12 -8.79 -27.32
C SER A 2 -26.88 -8.02 -26.25
N VAL A 3 -26.24 -7.83 -25.11
CA VAL A 3 -26.73 -7.00 -23.98
C VAL A 3 -25.56 -6.07 -23.59
N TRP A 4 -25.80 -5.05 -22.78
CA TRP A 4 -24.75 -4.38 -21.99
C TRP A 4 -24.58 -5.10 -20.66
N CYS A 5 -23.34 -5.28 -20.24
CA CYS A 5 -23.02 -5.73 -18.86
C CYS A 5 -22.87 -4.50 -17.96
N ARG A 6 -23.61 -4.43 -16.84
CA ARG A 6 -23.59 -3.21 -15.98
C ARG A 6 -22.30 -3.22 -15.16
N HIS A 7 -21.62 -4.35 -15.06
CA HIS A 7 -20.35 -4.45 -14.32
C HIS A 7 -19.24 -3.72 -15.06
N CYS A 8 -19.11 -3.94 -16.40
CA CYS A 8 -17.93 -3.47 -17.19
C CYS A 8 -18.34 -2.39 -18.19
N GLY A 9 -19.64 -2.27 -18.50
CA GLY A 9 -20.16 -1.27 -19.45
C GLY A 9 -20.05 -1.71 -20.92
N ALA A 10 -19.46 -2.87 -21.20
CA ALA A 10 -19.29 -3.35 -22.60
C ALA A 10 -20.60 -3.90 -23.16
N THR A 11 -20.75 -3.85 -24.48
CA THR A 11 -21.64 -4.78 -25.21
C THR A 11 -21.01 -6.18 -25.07
N SER A 12 -21.82 -7.16 -24.80
CA SER A 12 -21.39 -8.44 -24.19
C SER A 12 -22.19 -9.62 -24.74
N ALA A 13 -21.58 -10.81 -24.84
CA ALA A 13 -22.30 -12.10 -25.08
C ALA A 13 -23.11 -12.47 -23.82
N GLY A 14 -22.79 -11.89 -22.66
CA GLY A 14 -23.48 -12.21 -21.39
C GLY A 14 -23.21 -13.65 -21.00
N LEU A 15 -21.93 -14.04 -20.99
CA LEU A 15 -21.48 -15.40 -20.60
C LEU A 15 -21.75 -15.58 -19.11
N ARG A 16 -21.79 -16.82 -18.69
CA ARG A 16 -21.83 -17.18 -17.28
C ARG A 16 -20.69 -16.47 -16.57
N CYS A 17 -20.98 -15.88 -15.43
CA CYS A 17 -19.99 -15.27 -14.53
C CYS A 17 -19.00 -16.34 -14.03
N GLU A 18 -17.70 -16.01 -14.04
CA GLU A 18 -16.60 -16.85 -13.47
C GLU A 18 -15.75 -16.00 -12.52
N TRP A 19 -16.40 -15.09 -11.81
CA TRP A 19 -15.79 -14.18 -10.81
C TRP A 19 -15.20 -14.96 -9.63
N GLN A 20 -15.96 -15.92 -9.10
CA GLN A 20 -15.57 -16.71 -7.91
C GLN A 20 -14.54 -17.75 -8.32
N ASN A 21 -14.87 -18.57 -9.31
CA ASN A 21 -13.87 -19.42 -10.03
C ASN A 21 -14.43 -19.73 -11.40
N ASN A 22 -13.67 -20.47 -12.23
CA ASN A 22 -14.13 -20.75 -13.62
C ASN A 22 -15.50 -21.42 -13.57
N TYR A 23 -15.82 -22.19 -12.52
CA TYR A 23 -17.11 -22.91 -12.43
C TYR A 23 -18.13 -22.15 -11.56
N THR A 24 -17.76 -21.02 -10.93
CA THR A 24 -18.65 -20.42 -9.90
C THR A 24 -18.89 -18.93 -10.16
N GLN A 25 -20.16 -18.58 -10.31
N GLN A 25 -20.16 -18.58 -10.30
CA GLN A 25 -20.65 -17.19 -10.46
CA GLN A 25 -20.65 -17.18 -10.52
C GLN A 25 -20.37 -16.42 -9.16
C GLN A 25 -20.57 -16.43 -9.18
N CYS A 26 -20.38 -15.10 -9.21
CA CYS A 26 -20.64 -14.27 -8.00
C CYS A 26 -22.13 -14.35 -7.69
N ALA A 27 -22.51 -14.18 -6.43
CA ALA A 27 -23.92 -14.30 -6.02
C ALA A 27 -24.75 -13.22 -6.75
N PRO A 28 -24.24 -11.99 -6.95
CA PRO A 28 -25.00 -10.98 -7.73
C PRO A 28 -25.38 -11.44 -9.15
N CYS A 29 -24.42 -11.95 -9.94
CA CYS A 29 -24.67 -12.50 -11.30
C CYS A 29 -25.63 -13.69 -11.25
N ALA A 30 -25.42 -14.65 -10.34
CA ALA A 30 -26.34 -15.81 -10.16
C ALA A 30 -27.77 -15.31 -9.91
N SER A 31 -27.93 -14.20 -9.19
CA SER A 31 -29.24 -13.69 -8.73
C SER A 31 -30.07 -13.08 -9.87
N LEU A 32 -29.46 -12.89 -11.05
CA LEU A 32 -30.16 -12.42 -12.27
C LEU A 32 -31.04 -13.53 -12.84
N SER A 33 -30.71 -14.81 -12.58
CA SER A 33 -31.39 -15.95 -13.26
C SER A 33 -32.22 -16.76 -12.26
N SER A 34 -31.81 -16.83 -10.99
CA SER A 34 -32.57 -17.55 -9.95
C SER A 34 -32.61 -16.72 -8.65
N CYS A 35 -33.71 -16.85 -7.91
CA CYS A 35 -33.95 -16.12 -6.62
C CYS A 35 -33.04 -16.69 -5.53
N PRO A 36 -32.28 -15.82 -4.81
CA PRO A 36 -31.46 -16.27 -3.68
C PRO A 36 -32.28 -16.59 -2.41
N VAL A 37 -33.59 -16.33 -2.41
CA VAL A 37 -34.47 -16.69 -1.26
C VAL A 37 -35.03 -18.09 -1.47
N CYS A 38 -35.71 -18.33 -2.59
CA CYS A 38 -36.52 -19.57 -2.81
C CYS A 38 -35.77 -20.56 -3.71
N TYR A 39 -34.73 -20.09 -4.40
CA TYR A 39 -33.82 -20.90 -5.28
C TYR A 39 -34.60 -21.40 -6.50
N ARG A 40 -35.64 -20.70 -6.91
CA ARG A 40 -36.37 -20.96 -8.18
C ARG A 40 -35.80 -20.08 -9.29
N ASN A 41 -35.61 -20.66 -10.48
CA ASN A 41 -35.37 -19.89 -11.73
C ASN A 41 -36.49 -18.86 -11.84
N TYR A 42 -36.19 -17.64 -12.23
CA TYR A 42 -37.23 -16.62 -12.47
C TYR A 42 -38.09 -17.09 -13.64
N ARG A 43 -39.38 -16.82 -13.59
N ARG A 43 -39.39 -16.84 -13.56
CA ARG A 43 -40.29 -17.00 -14.74
CA ARG A 43 -40.35 -16.98 -14.69
C ARG A 43 -40.49 -15.63 -15.40
C ARG A 43 -40.45 -15.62 -15.39
N GLU A 44 -40.69 -15.60 -16.71
CA GLU A 44 -40.90 -14.33 -17.47
C GLU A 44 -42.00 -13.54 -16.75
N GLU A 45 -41.75 -12.26 -16.47
CA GLU A 45 -42.69 -11.32 -15.78
C GLU A 45 -42.59 -11.37 -14.24
N ASP A 46 -41.74 -12.23 -13.65
CA ASP A 46 -41.46 -12.17 -12.19
C ASP A 46 -41.04 -10.74 -11.82
N LEU A 47 -41.67 -10.19 -10.79
CA LEU A 47 -41.35 -8.87 -10.19
C LEU A 47 -40.12 -9.08 -9.30
N ILE A 48 -39.01 -8.42 -9.58
CA ILE A 48 -37.76 -8.62 -8.79
C ILE A 48 -37.21 -7.27 -8.40
N LEU A 49 -36.44 -7.21 -7.31
CA LEU A 49 -35.77 -5.96 -6.90
C LEU A 49 -34.41 -6.29 -6.34
N GLN A 50 -33.56 -5.28 -6.23
CA GLN A 50 -32.13 -5.43 -5.93
C GLN A 50 -31.83 -4.82 -4.56
N CYS A 51 -31.25 -5.61 -3.67
CA CYS A 51 -30.73 -5.18 -2.35
C CYS A 51 -29.50 -4.30 -2.57
N ARG A 52 -29.44 -3.16 -1.90
CA ARG A 52 -28.31 -2.21 -2.02
C ARG A 52 -27.09 -2.72 -1.24
N GLN A 53 -27.30 -3.65 -0.29
N GLN A 53 -27.27 -3.73 -0.37
CA GLN A 53 -26.22 -4.27 0.52
CA GLN A 53 -26.20 -4.26 0.52
C GLN A 53 -25.55 -5.38 -0.32
C GLN A 53 -25.49 -5.48 -0.10
N CYS A 54 -26.22 -6.52 -0.48
CA CYS A 54 -25.59 -7.75 -1.04
C CYS A 54 -25.58 -7.73 -2.58
N ASP A 55 -26.23 -6.73 -3.20
CA ASP A 55 -26.22 -6.47 -4.67
C ASP A 55 -26.99 -7.56 -5.43
N ARG A 56 -27.77 -8.36 -4.75
CA ARG A 56 -28.53 -9.46 -5.38
C ARG A 56 -29.92 -9.00 -5.73
N TRP A 57 -30.40 -9.49 -6.86
CA TRP A 57 -31.84 -9.47 -7.24
C TRP A 57 -32.55 -10.58 -6.51
N MET A 58 -33.84 -10.42 -6.27
CA MET A 58 -34.68 -11.47 -5.70
C MET A 58 -36.14 -11.18 -5.99
N HIS A 59 -36.99 -12.19 -5.88
CA HIS A 59 -38.46 -12.03 -5.99
C HIS A 59 -38.95 -11.04 -4.93
N ALA A 60 -39.76 -10.07 -5.35
CA ALA A 60 -40.54 -9.22 -4.43
C ALA A 60 -41.35 -10.11 -3.47
N VAL A 61 -42.05 -11.14 -3.97
CA VAL A 61 -42.95 -11.96 -3.09
C VAL A 61 -42.12 -12.69 -2.02
N CYS A 62 -40.85 -12.98 -2.29
CA CYS A 62 -39.95 -13.68 -1.35
C CYS A 62 -39.43 -12.70 -0.26
N GLN A 63 -39.84 -11.44 -0.33
CA GLN A 63 -39.55 -10.40 0.69
C GLN A 63 -40.84 -9.77 1.17
N ASN A 64 -41.97 -10.45 0.96
CA ASN A 64 -43.32 -10.03 1.42
C ASN A 64 -43.67 -8.67 0.83
N LEU A 65 -43.15 -8.38 -0.36
CA LEU A 65 -43.57 -7.24 -1.20
C LEU A 65 -44.45 -7.79 -2.33
N ASN A 66 -45.74 -7.51 -2.29
CA ASN A 66 -46.78 -8.24 -3.08
C ASN A 66 -47.31 -7.39 -4.23
N THR A 67 -46.90 -6.13 -4.34
CA THR A 67 -47.37 -5.21 -5.41
C THR A 67 -46.21 -4.40 -5.95
N GLU A 68 -46.35 -3.96 -7.20
CA GLU A 68 -45.49 -2.95 -7.85
C GLU A 68 -45.36 -1.72 -6.92
N GLU A 69 -46.46 -1.29 -6.34
CA GLU A 69 -46.49 -0.10 -5.44
C GLU A 69 -45.46 -0.28 -4.31
N GLU A 70 -45.50 -1.43 -3.63
CA GLU A 70 -44.59 -1.74 -2.49
C GLU A 70 -43.15 -1.76 -3.01
N VAL A 71 -42.92 -2.51 -4.09
CA VAL A 71 -41.59 -2.66 -4.71
C VAL A 71 -41.03 -1.29 -5.07
N GLU A 72 -41.81 -0.40 -5.69
CA GLU A 72 -41.31 0.93 -6.10
C GLU A 72 -40.93 1.72 -4.85
N ASN A 73 -41.75 1.66 -3.81
CA ASN A 73 -41.55 2.49 -2.60
C ASN A 73 -40.25 2.08 -1.92
N VAL A 74 -40.02 0.78 -1.69
CA VAL A 74 -38.81 0.37 -0.92
C VAL A 74 -37.56 0.54 -1.82
N ALA A 75 -37.65 0.23 -3.12
CA ALA A 75 -36.50 0.34 -4.08
C ALA A 75 -36.07 1.81 -4.17
N ASP A 76 -37.03 2.73 -4.18
CA ASP A 76 -36.82 4.20 -4.27
C ASP A 76 -36.00 4.69 -3.06
N ILE A 77 -36.36 4.29 -1.83
CA ILE A 77 -35.77 4.85 -0.57
C ILE A 77 -34.50 4.07 -0.21
N GLY A 78 -34.40 2.83 -0.63
CA GLY A 78 -33.22 1.99 -0.36
C GLY A 78 -33.61 0.67 0.22
N PHE A 79 -33.47 -0.39 -0.56
CA PHE A 79 -33.94 -1.75 -0.22
C PHE A 79 -32.81 -2.50 0.47
N ASP A 80 -33.05 -2.90 1.71
CA ASP A 80 -32.14 -3.76 2.49
C ASP A 80 -32.88 -5.08 2.73
N CYS A 81 -32.44 -6.16 2.09
CA CYS A 81 -33.19 -7.44 2.05
C CYS A 81 -33.15 -8.05 3.45
N SER A 82 -34.03 -9.01 3.71
CA SER A 82 -34.09 -9.73 5.00
C SER A 82 -32.76 -10.45 5.30
N MET A 83 -32.04 -10.98 4.30
N MET A 83 -32.04 -10.92 4.28
CA MET A 83 -30.77 -11.73 4.51
CA MET A 83 -30.79 -11.73 4.42
C MET A 83 -29.71 -10.80 5.12
C MET A 83 -29.62 -10.86 4.91
N CYS A 84 -29.68 -9.54 4.68
CA CYS A 84 -28.63 -8.56 5.06
C CYS A 84 -29.00 -7.85 6.37
N ARG A 85 -30.27 -7.90 6.78
CA ARG A 85 -30.75 -7.28 8.05
C ARG A 85 -30.53 -8.29 9.18
N PRO A 86 -29.63 -7.99 10.13
N SER B 2 -7.51 -1.93 -21.89
CA SER B 2 -8.76 -2.73 -21.90
C SER B 2 -8.67 -3.86 -20.88
N VAL B 3 -9.81 -4.37 -20.42
CA VAL B 3 -9.89 -5.25 -19.23
C VAL B 3 -10.84 -6.41 -19.56
N TRP B 4 -10.53 -7.60 -19.07
CA TRP B 4 -11.44 -8.78 -19.11
C TRP B 4 -12.44 -8.68 -17.97
N CYS B 5 -13.71 -8.71 -18.31
CA CYS B 5 -14.79 -8.81 -17.31
C CYS B 5 -15.12 -10.28 -17.06
N ARG B 6 -14.78 -10.77 -15.86
N ARG B 6 -14.75 -10.77 -15.87
CA ARG B 6 -15.02 -12.17 -15.47
CA ARG B 6 -15.01 -12.17 -15.44
C ARG B 6 -16.53 -12.40 -15.33
C ARG B 6 -16.53 -12.39 -15.39
N HIS B 7 -17.31 -11.34 -15.08
CA HIS B 7 -18.78 -11.43 -14.90
C HIS B 7 -19.50 -11.83 -16.19
N CYS B 8 -19.08 -11.33 -17.35
CA CYS B 8 -19.84 -11.49 -18.63
C CYS B 8 -18.96 -12.05 -19.74
N GLY B 9 -17.65 -12.04 -19.56
CA GLY B 9 -16.70 -12.58 -20.54
C GLY B 9 -16.19 -11.54 -21.52
N ALA B 10 -16.78 -10.34 -21.55
CA ALA B 10 -16.46 -9.31 -22.55
C ALA B 10 -15.08 -8.74 -22.24
N THR B 11 -14.39 -8.28 -23.28
CA THR B 11 -13.33 -7.27 -23.18
C THR B 11 -13.98 -5.88 -23.21
N SER B 12 -13.55 -4.99 -22.32
CA SER B 12 -14.13 -3.64 -22.09
C SER B 12 -13.00 -2.61 -22.00
N ALA B 13 -13.33 -1.36 -22.32
CA ALA B 13 -12.50 -0.16 -22.07
C ALA B 13 -12.19 -0.06 -20.56
N GLY B 14 -13.00 -0.73 -19.73
CA GLY B 14 -12.81 -0.85 -18.27
C GLY B 14 -13.53 0.27 -17.54
N LEU B 15 -14.86 0.26 -17.58
CA LEU B 15 -15.72 1.35 -17.04
C LEU B 15 -16.16 0.99 -15.61
N ARG B 16 -16.35 2.03 -14.79
CA ARG B 16 -16.92 1.92 -13.43
CA ARG B 16 -16.94 1.92 -13.43
C ARG B 16 -18.11 0.93 -13.46
N CYS B 17 -18.10 -0.07 -12.60
CA CYS B 17 -19.30 -0.91 -12.38
C CYS B 17 -20.50 -0.03 -12.02
N GLU B 18 -21.65 -0.27 -12.64
CA GLU B 18 -22.94 0.40 -12.34
C GLU B 18 -24.01 -0.67 -12.06
N TRP B 19 -23.59 -1.83 -11.58
CA TRP B 19 -24.50 -2.97 -11.30
C TRP B 19 -25.51 -2.55 -10.24
N GLN B 20 -25.04 -1.90 -9.19
CA GLN B 20 -25.96 -1.46 -8.12
C GLN B 20 -26.78 -0.29 -8.66
N ASN B 21 -26.15 0.81 -9.02
CA ASN B 21 -26.79 1.89 -9.81
C ASN B 21 -25.70 2.75 -10.45
N ASN B 22 -26.10 3.84 -11.09
CA ASN B 22 -25.20 4.82 -11.75
C ASN B 22 -24.15 5.34 -10.77
N TYR B 23 -24.44 5.40 -9.48
CA TYR B 23 -23.56 6.03 -8.46
C TYR B 23 -22.82 4.96 -7.65
N THR B 24 -23.08 3.68 -7.89
CA THR B 24 -22.67 2.62 -6.96
C THR B 24 -22.20 1.38 -7.73
N GLN B 25 -20.93 1.04 -7.54
CA GLN B 25 -20.34 -0.26 -7.93
C GLN B 25 -20.95 -1.35 -7.05
N CYS B 26 -21.05 -2.56 -7.55
CA CYS B 26 -21.31 -3.72 -6.69
C CYS B 26 -20.09 -3.88 -5.78
N ALA B 27 -20.27 -4.46 -4.59
CA ALA B 27 -19.16 -4.58 -3.63
C ALA B 27 -18.03 -5.42 -4.23
N PRO B 28 -18.29 -6.53 -4.93
CA PRO B 28 -17.21 -7.32 -5.56
C PRO B 28 -16.35 -6.50 -6.53
N CYS B 29 -16.95 -5.72 -7.42
CA CYS B 29 -16.18 -4.86 -8.38
C CYS B 29 -15.37 -3.80 -7.62
N ALA B 30 -15.96 -3.12 -6.63
CA ALA B 30 -15.23 -2.10 -5.82
C ALA B 30 -14.00 -2.75 -5.17
N SER B 31 -14.14 -4.01 -4.70
CA SER B 31 -13.08 -4.76 -3.95
C SER B 31 -11.87 -5.09 -4.85
N LEU B 32 -11.98 -4.90 -6.16
CA LEU B 32 -10.83 -5.10 -7.08
C LEU B 32 -9.77 -4.04 -6.83
N SER B 33 -10.19 -2.82 -6.54
CA SER B 33 -9.30 -1.63 -6.51
C SER B 33 -8.93 -1.27 -5.05
N SER B 34 -9.80 -1.58 -4.09
CA SER B 34 -9.63 -1.10 -2.70
C SER B 34 -10.23 -2.10 -1.71
N CYS B 35 -9.60 -2.23 -0.55
CA CYS B 35 -9.94 -3.24 0.50
C CYS B 35 -11.26 -2.89 1.16
N PRO B 36 -12.23 -3.82 1.23
CA PRO B 36 -13.50 -3.55 1.90
C PRO B 36 -13.38 -3.54 3.45
N VAL B 37 -12.21 -3.84 4.00
CA VAL B 37 -12.03 -3.79 5.48
C VAL B 37 -11.42 -2.42 5.86
N CYS B 38 -10.29 -2.05 5.25
CA CYS B 38 -9.54 -0.82 5.65
C CYS B 38 -9.84 0.35 4.69
N TYR B 39 -10.47 0.09 3.54
CA TYR B 39 -10.90 1.15 2.57
C TYR B 39 -9.68 1.88 1.94
N ARG B 40 -8.57 1.16 1.80
CA ARG B 40 -7.33 1.63 1.15
C ARG B 40 -7.14 0.92 -0.20
N ASN B 41 -6.65 1.67 -1.19
CA ASN B 41 -6.26 1.14 -2.52
C ASN B 41 -5.13 0.13 -2.33
N TYR B 42 -5.16 -0.96 -3.08
CA TYR B 42 -4.11 -2.00 -3.04
C TYR B 42 -2.77 -1.47 -3.61
N ARG B 43 -1.70 -2.03 -3.06
CA ARG B 43 -0.30 -2.03 -3.53
C ARG B 43 -0.11 -3.22 -4.49
N GLU B 44 0.78 -3.08 -5.47
CA GLU B 44 1.33 -4.21 -6.26
C GLU B 44 1.79 -5.35 -5.32
N GLU B 45 2.40 -5.04 -4.17
CA GLU B 45 3.03 -6.04 -3.26
C GLU B 45 1.96 -6.80 -2.46
N ASP B 46 0.69 -6.39 -2.50
CA ASP B 46 -0.30 -6.83 -1.49
C ASP B 46 -0.72 -8.27 -1.79
N LEU B 47 -0.68 -9.13 -0.76
CA LEU B 47 -1.38 -10.41 -0.71
C LEU B 47 -2.87 -10.12 -0.54
N ILE B 48 -3.68 -10.62 -1.46
CA ILE B 48 -5.15 -10.47 -1.37
C ILE B 48 -5.79 -11.82 -1.57
N LEU B 49 -6.98 -11.99 -1.06
CA LEU B 49 -7.75 -13.21 -1.30
C LEU B 49 -9.22 -12.86 -1.37
N GLN B 50 -10.00 -13.81 -1.84
CA GLN B 50 -11.38 -13.59 -2.26
C GLN B 50 -12.29 -14.49 -1.42
N CYS B 51 -13.25 -13.89 -0.73
CA CYS B 51 -14.21 -14.59 0.15
C CYS B 51 -15.18 -15.36 -0.75
N ARG B 52 -15.45 -16.63 -0.43
CA ARG B 52 -16.43 -17.46 -1.22
C ARG B 52 -17.88 -17.09 -0.90
N GLN B 53 -18.12 -16.32 0.18
N GLN B 53 -18.14 -16.48 0.26
CA GLN B 53 -19.48 -16.00 0.68
CA GLN B 53 -19.49 -15.98 0.64
C GLN B 53 -19.94 -14.61 0.19
C GLN B 53 -19.77 -14.72 -0.18
N CYS B 54 -19.03 -13.64 0.09
CA CYS B 54 -19.43 -12.26 -0.34
C CYS B 54 -18.77 -11.88 -1.67
N ASP B 55 -17.88 -12.72 -2.19
CA ASP B 55 -17.25 -12.56 -3.53
C ASP B 55 -16.27 -11.36 -3.52
N ARG B 56 -15.94 -10.82 -2.37
CA ARG B 56 -15.05 -9.63 -2.27
C ARG B 56 -13.59 -10.06 -2.13
N TRP B 57 -12.71 -9.34 -2.81
CA TRP B 57 -11.25 -9.34 -2.55
C TRP B 57 -10.96 -8.48 -1.33
N MET B 58 -9.85 -8.75 -0.65
CA MET B 58 -9.45 -7.96 0.53
C MET B 58 -8.02 -8.32 0.88
N HIS B 59 -7.37 -7.41 1.59
CA HIS B 59 -6.03 -7.64 2.16
C HIS B 59 -6.03 -8.90 3.03
N ALA B 60 -5.10 -9.81 2.77
CA ALA B 60 -4.78 -10.93 3.68
C ALA B 60 -4.57 -10.38 5.11
N VAL B 61 -3.82 -9.29 5.25
CA VAL B 61 -3.42 -8.71 6.56
C VAL B 61 -4.67 -8.20 7.27
N CYS B 62 -5.70 -7.76 6.55
CA CYS B 62 -6.95 -7.23 7.15
C CYS B 62 -7.85 -8.37 7.62
N GLN B 63 -7.39 -9.59 7.42
CA GLN B 63 -8.04 -10.81 7.94
C GLN B 63 -7.03 -11.58 8.79
N ASN B 64 -5.91 -10.96 9.17
CA ASN B 64 -4.88 -11.57 10.04
C ASN B 64 -4.22 -12.77 9.35
N LEU B 65 -4.12 -12.75 8.03
CA LEU B 65 -3.32 -13.71 7.21
C LEU B 65 -2.15 -12.94 6.60
N ASN B 66 -0.91 -13.26 6.94
CA ASN B 66 0.26 -12.39 6.65
C ASN B 66 1.13 -12.97 5.52
N THR B 67 1.01 -14.26 5.20
CA THR B 67 1.96 -14.99 4.34
C THR B 67 1.21 -15.70 3.22
N GLU B 68 1.91 -15.98 2.12
CA GLU B 68 1.42 -16.87 1.05
C GLU B 68 1.11 -18.24 1.67
N GLU B 69 1.89 -18.66 2.66
CA GLU B 69 1.63 -19.95 3.35
C GLU B 69 0.19 -19.94 3.89
N GLU B 70 -0.19 -18.91 4.66
CA GLU B 70 -1.52 -18.84 5.29
C GLU B 70 -2.59 -18.70 4.21
N VAL B 71 -2.37 -17.84 3.21
CA VAL B 71 -3.36 -17.62 2.12
C VAL B 71 -3.60 -18.93 1.36
N GLU B 72 -2.52 -19.59 0.95
CA GLU B 72 -2.56 -20.91 0.25
C GLU B 72 -3.39 -21.88 1.07
N ASN B 73 -3.18 -21.87 2.38
CA ASN B 73 -3.78 -22.85 3.32
C ASN B 73 -5.29 -22.59 3.40
N VAL B 74 -5.73 -21.32 3.44
CA VAL B 74 -7.19 -21.03 3.57
C VAL B 74 -7.92 -21.31 2.24
N ALA B 75 -7.26 -21.17 1.08
CA ALA B 75 -7.84 -21.49 -0.25
C ALA B 75 -8.08 -23.01 -0.41
N ASP B 76 -7.21 -23.85 0.15
CA ASP B 76 -7.37 -25.33 0.20
C ASP B 76 -8.78 -25.71 0.68
N ILE B 77 -9.37 -24.92 1.59
CA ILE B 77 -10.66 -25.29 2.23
C ILE B 77 -11.78 -24.34 1.85
N GLY B 78 -11.46 -23.15 1.32
CA GLY B 78 -12.49 -22.13 1.03
C GLY B 78 -12.49 -21.03 2.09
N PHE B 79 -12.26 -19.80 1.66
CA PHE B 79 -12.12 -18.64 2.56
C PHE B 79 -13.49 -18.04 2.87
N ASP B 80 -13.86 -18.04 4.16
CA ASP B 80 -15.02 -17.26 4.67
C ASP B 80 -14.47 -16.09 5.47
N CYS B 81 -14.70 -14.86 4.98
CA CYS B 81 -14.09 -13.66 5.59
C CYS B 81 -14.78 -13.35 6.93
N SER B 82 -14.12 -12.52 7.76
CA SER B 82 -14.61 -12.13 9.11
C SER B 82 -15.95 -11.41 9.00
N MET B 83 -16.19 -10.66 7.91
CA MET B 83 -17.43 -9.86 7.76
C MET B 83 -18.61 -10.81 7.46
N CYS B 84 -18.37 -11.98 6.90
CA CYS B 84 -19.40 -12.99 6.58
C CYS B 84 -19.61 -13.98 7.75
N ARG B 85 -18.73 -13.99 8.73
CA ARG B 85 -18.76 -15.00 9.83
C ARG B 85 -19.54 -14.39 11.00
N PRO B 86 -20.59 -15.12 11.51
CA PRO B 86 -21.42 -14.63 12.61
C PRO B 86 -20.86 -15.03 13.99
N SER C 2 35.80 15.88 -9.87
CA SER C 2 34.57 15.05 -9.89
C SER C 2 34.66 14.00 -8.79
N VAL C 3 33.53 13.42 -8.42
CA VAL C 3 33.45 12.58 -7.20
C VAL C 3 32.45 11.46 -7.44
N TRP C 4 32.75 10.29 -6.90
CA TRP C 4 31.84 9.14 -6.88
C TRP C 4 30.80 9.35 -5.77
N CYS C 5 29.53 9.38 -6.14
CA CYS C 5 28.41 9.29 -5.18
C CYS C 5 28.09 7.81 -4.91
N ARG C 6 28.39 7.34 -3.69
CA ARG C 6 28.09 5.95 -3.29
C ARG C 6 26.58 5.76 -3.11
N HIS C 7 25.81 6.83 -2.84
CA HIS C 7 24.33 6.79 -2.65
C HIS C 7 23.60 6.34 -3.93
N CYS C 8 24.05 6.82 -5.11
CA CYS C 8 23.33 6.65 -6.39
C CYS C 8 24.23 6.03 -7.47
N GLY C 9 25.53 5.94 -7.24
CA GLY C 9 26.51 5.32 -8.17
C GLY C 9 27.09 6.30 -9.18
N ALA C 10 26.53 7.50 -9.30
CA ALA C 10 26.88 8.48 -10.35
C ALA C 10 28.28 9.04 -10.08
N THR C 11 28.98 9.44 -11.13
CA THR C 11 30.02 10.47 -11.03
C THR C 11 29.33 11.82 -11.07
N SER C 12 29.76 12.71 -10.21
CA SER C 12 29.13 14.05 -10.04
C SER C 12 30.19 15.12 -9.99
N ALA C 13 29.77 16.37 -10.20
CA ALA C 13 30.58 17.58 -9.98
C ALA C 13 30.85 17.72 -8.48
N GLY C 14 30.05 17.05 -7.64
CA GLY C 14 30.19 17.01 -6.18
C GLY C 14 29.49 18.20 -5.53
N LEU C 15 28.23 18.42 -5.88
CA LEU C 15 27.43 19.55 -5.35
C LEU C 15 27.12 19.28 -3.88
N ARG C 16 26.78 20.30 -3.12
CA ARG C 16 26.42 20.12 -1.69
C ARG C 16 25.17 19.25 -1.66
N CYS C 17 25.08 18.32 -0.72
CA CYS C 17 23.86 17.56 -0.46
C CYS C 17 22.68 18.50 -0.10
N GLU C 18 21.49 18.25 -0.67
CA GLU C 18 20.24 18.99 -0.37
C GLU C 18 19.17 17.98 0.03
N TRP C 19 19.58 16.87 0.62
CA TRP C 19 18.68 15.77 1.05
C TRP C 19 17.63 16.28 2.05
N GLN C 20 18.04 17.07 3.01
CA GLN C 20 17.18 17.46 4.14
C GLN C 20 16.32 18.66 3.72
N ASN C 21 16.93 19.72 3.19
CA ASN C 21 16.17 20.86 2.61
C ASN C 21 17.09 21.63 1.66
N ASN C 22 16.53 22.69 1.06
CA ASN C 22 17.22 23.59 0.08
C ASN C 22 18.63 23.88 0.58
N TYR C 23 18.81 24.05 1.89
CA TYR C 23 20.04 24.62 2.51
C TYR C 23 20.80 23.54 3.28
N THR C 24 20.26 22.32 3.41
CA THR C 24 20.73 21.38 4.47
C THR C 24 21.05 19.98 3.90
N GLN C 25 22.26 19.52 4.16
CA GLN C 25 22.74 18.17 3.77
C GLN C 25 22.05 17.15 4.68
N CYS C 26 22.04 15.88 4.28
CA CYS C 26 21.82 14.77 5.22
C CYS C 26 23.04 14.68 6.14
N ALA C 27 22.87 14.12 7.35
CA ALA C 27 23.98 14.06 8.34
C ALA C 27 25.12 13.20 7.82
N PRO C 28 24.86 12.05 7.18
CA PRO C 28 25.94 11.26 6.57
C PRO C 28 26.82 12.08 5.58
N CYS C 29 26.21 12.83 4.64
CA CYS C 29 26.99 13.69 3.69
C CYS C 29 27.73 14.76 4.48
N ALA C 30 27.05 15.42 5.44
CA ALA C 30 27.71 16.47 6.27
C ALA C 30 28.96 15.90 6.97
N SER C 31 28.90 14.61 7.39
CA SER C 31 29.98 13.92 8.17
C SER C 31 31.22 13.63 7.32
N LEU C 32 31.16 13.86 6.02
CA LEU C 32 32.35 13.71 5.13
C LEU C 32 33.37 14.81 5.39
N SER C 33 32.91 16.00 5.80
CA SER C 33 33.74 17.24 5.83
C SER C 33 34.01 17.68 7.27
N SER C 34 33.12 17.38 8.21
CA SER C 34 33.33 17.69 9.64
C SER C 34 32.79 16.57 10.55
N CYS C 35 33.39 16.42 11.71
CA CYS C 35 33.07 15.39 12.73
C CYS C 35 31.78 15.73 13.46
N PRO C 36 30.82 14.79 13.54
CA PRO C 36 29.58 15.01 14.28
C PRO C 36 29.72 14.93 15.81
N VAL C 37 30.91 14.60 16.33
CA VAL C 37 31.17 14.56 17.79
C VAL C 37 31.72 15.92 18.21
N CYS C 38 32.83 16.36 17.61
CA CYS C 38 33.58 17.57 18.09
C CYS C 38 33.21 18.81 17.25
N TYR C 39 32.58 18.62 16.09
CA TYR C 39 32.12 19.69 15.17
C TYR C 39 33.30 20.47 14.60
N ARG C 40 34.47 19.84 14.50
CA ARG C 40 35.65 20.38 13.77
C ARG C 40 35.69 19.81 12.35
N ASN C 41 36.06 20.66 11.38
CA ASN C 41 36.44 20.27 10.00
C ASN C 41 37.57 19.23 10.10
N TYR C 42 37.52 18.15 9.32
CA TYR C 42 38.63 17.18 9.25
C TYR C 42 39.87 17.89 8.71
N ARG C 43 41.01 17.44 9.18
CA ARG C 43 42.31 17.85 8.61
C ARG C 43 42.85 16.68 7.81
N GLU C 44 43.58 16.97 6.73
CA GLU C 44 44.25 15.93 5.92
C GLU C 44 44.91 14.95 6.91
N GLU C 45 44.74 13.65 6.69
CA GLU C 45 45.32 12.51 7.46
C GLU C 45 44.56 12.24 8.78
N ASP C 46 43.43 12.90 9.07
CA ASP C 46 42.61 12.53 10.25
C ASP C 46 42.13 11.10 10.03
N LEU C 47 42.25 10.27 11.07
CA LEU C 47 41.77 8.87 11.15
C LEU C 47 40.27 8.91 11.45
N ILE C 48 39.46 8.44 10.53
CA ILE C 48 37.99 8.50 10.64
C ILE C 48 37.41 7.11 10.40
N LEU C 49 36.25 6.84 10.97
CA LEU C 49 35.57 5.54 10.73
C LEU C 49 34.07 5.78 10.67
N GLN C 50 33.35 4.82 10.11
CA GLN C 50 31.92 4.98 9.79
C GLN C 50 31.07 4.08 10.69
N CYS C 51 30.18 4.68 11.45
CA CYS C 51 29.21 3.93 12.28
C CYS C 51 28.22 3.19 11.35
N ARG C 52 27.93 1.92 11.63
CA ARG C 52 26.99 1.08 10.83
C ARG C 52 25.52 1.45 11.09
N GLN C 53 25.25 2.14 12.21
N GLN C 53 25.23 2.16 12.18
CA GLN C 53 23.87 2.56 12.62
CA GLN C 53 23.85 2.57 12.54
C GLN C 53 23.52 3.89 11.92
C GLN C 53 23.51 3.91 11.89
N CYS C 54 24.15 5.00 12.33
CA CYS C 54 23.78 6.37 11.88
C CYS C 54 24.45 6.71 10.52
N ASP C 55 25.37 5.87 10.03
CA ASP C 55 25.97 5.97 8.68
C ASP C 55 26.91 7.18 8.61
N ARG C 56 27.30 7.75 9.76
CA ARG C 56 28.17 8.96 9.76
C ARG C 56 29.62 8.57 9.93
N TRP C 57 30.50 9.35 9.31
CA TRP C 57 31.95 9.34 9.60
C TRP C 57 32.20 10.20 10.81
N MET C 58 33.30 9.92 11.52
CA MET C 58 33.70 10.69 12.69
C MET C 58 35.15 10.36 13.01
N HIS C 59 35.81 11.27 13.73
CA HIS C 59 37.17 11.01 14.23
C HIS C 59 37.19 9.75 15.08
N ALA C 60 38.16 8.87 14.86
CA ALA C 60 38.50 7.77 15.77
C ALA C 60 38.75 8.30 17.19
N VAL C 61 39.52 9.39 17.33
CA VAL C 61 39.95 9.86 18.67
C VAL C 61 38.71 10.38 19.41
N CYS C 62 37.70 10.90 18.70
CA CYS C 62 36.42 11.38 19.30
C CYS C 62 35.56 10.18 19.80
N GLN C 63 35.97 8.96 19.53
CA GLN C 63 35.33 7.71 20.00
C GLN C 63 36.31 6.91 20.84
N ASN C 64 37.43 7.53 21.24
CA ASN C 64 38.45 6.91 22.12
C ASN C 64 39.09 5.71 21.41
N LEU C 65 39.22 5.79 20.09
CA LEU C 65 40.03 4.87 19.27
C LEU C 65 41.27 5.63 18.81
N ASN C 66 42.42 5.33 19.37
CA ASN C 66 43.65 6.15 19.28
C ASN C 66 44.67 5.56 18.31
N THR C 67 44.42 4.36 17.75
CA THR C 67 45.37 3.67 16.83
C THR C 67 44.61 3.10 15.64
N GLU C 68 45.31 2.95 14.50
CA GLU C 68 44.83 2.23 13.30
C GLU C 68 44.40 0.81 13.69
N GLU C 69 45.16 0.17 14.58
CA GLU C 69 44.86 -1.19 15.12
C GLU C 69 43.42 -1.24 15.70
N GLU C 70 43.09 -0.30 16.58
CA GLU C 70 41.79 -0.25 17.27
C GLU C 70 40.71 -0.03 16.22
N VAL C 71 40.91 0.98 15.37
CA VAL C 71 39.94 1.36 14.32
C VAL C 71 39.68 0.13 13.45
N GLU C 72 40.74 -0.51 12.99
CA GLU C 72 40.70 -1.69 12.11
C GLU C 72 39.81 -2.76 12.74
N ASN C 73 40.11 -3.08 14.01
CA ASN C 73 39.41 -4.17 14.75
C ASN C 73 37.91 -3.86 14.83
N VAL C 74 37.53 -2.66 15.27
CA VAL C 74 36.09 -2.39 15.54
C VAL C 74 35.33 -2.24 14.19
N ALA C 75 35.94 -1.64 13.16
CA ALA C 75 35.32 -1.43 11.85
C ALA C 75 35.07 -2.80 11.20
N ASP C 76 36.00 -3.74 11.41
CA ASP C 76 35.95 -5.13 10.88
C ASP C 76 34.70 -5.81 11.43
N ILE C 77 34.52 -5.81 12.74
CA ILE C 77 33.46 -6.62 13.40
C ILE C 77 32.13 -5.85 13.38
N GLY C 78 32.17 -4.52 13.37
CA GLY C 78 30.94 -3.71 13.30
C GLY C 78 30.97 -2.61 14.31
N PHE C 79 31.15 -1.37 13.85
CA PHE C 79 31.33 -0.19 14.73
C PHE C 79 29.98 0.47 15.00
N ASP C 80 29.61 0.54 16.27
CA ASP C 80 28.43 1.30 16.76
C ASP C 80 28.96 2.47 17.58
N CYS C 81 28.75 3.70 17.11
CA CYS C 81 29.32 4.91 17.75
C CYS C 81 28.58 5.16 19.08
N SER C 82 29.18 5.95 19.95
CA SER C 82 28.63 6.33 21.27
C SER C 82 27.32 7.11 21.12
N MET C 83 27.11 7.85 20.04
N MET C 83 27.10 7.82 20.01
CA MET C 83 25.84 8.60 19.81
CA MET C 83 25.87 8.62 19.80
C MET C 83 24.69 7.60 19.63
C MET C 83 24.68 7.68 19.48
N CYS C 84 24.95 6.46 19.01
CA CYS C 84 23.91 5.46 18.64
C CYS C 84 23.69 4.45 19.78
N ARG C 85 24.63 4.35 20.74
CA ARG C 85 24.51 3.55 21.99
C ARG C 85 24.00 4.44 23.12
N PRO C 86 22.70 4.37 23.50
CA PRO C 86 22.23 4.96 24.75
C PRO C 86 22.61 4.13 25.99
N SER D 2 16.59 8.70 -16.31
CA SER D 2 17.57 9.16 -15.27
C SER D 2 16.79 9.77 -14.10
N VAL D 3 17.48 9.94 -12.97
CA VAL D 3 16.94 10.69 -11.80
C VAL D 3 17.96 11.78 -11.45
N TRP D 4 17.57 12.81 -10.72
CA TRP D 4 18.51 13.67 -9.97
C TRP D 4 18.74 13.08 -8.58
N CYS D 5 19.98 12.88 -8.22
CA CYS D 5 20.34 12.49 -6.84
C CYS D 5 20.45 13.76 -5.98
N ARG D 6 19.71 13.81 -4.87
CA ARG D 6 19.70 15.04 -4.02
C ARG D 6 21.02 15.11 -3.27
N HIS D 7 21.75 13.99 -3.18
CA HIS D 7 22.98 13.94 -2.39
C HIS D 7 24.13 14.60 -3.18
N CYS D 8 24.32 14.25 -4.45
CA CYS D 8 25.51 14.68 -5.23
C CYS D 8 25.11 15.71 -6.29
N GLY D 9 23.82 15.77 -6.64
CA GLY D 9 23.28 16.72 -7.64
C GLY D 9 23.44 16.26 -9.09
N ALA D 10 23.96 15.05 -9.34
CA ALA D 10 24.20 14.52 -10.70
C ALA D 10 22.89 13.99 -11.26
N THR D 11 22.75 13.99 -12.58
CA THR D 11 21.83 13.06 -13.26
C THR D 11 22.40 11.66 -13.08
N SER D 12 21.56 10.71 -12.73
CA SER D 12 21.98 9.43 -12.11
C SER D 12 21.13 8.26 -12.61
N ALA D 13 21.72 7.07 -12.69
CA ALA D 13 21.02 5.76 -12.84
C ALA D 13 20.24 5.41 -11.56
N GLY D 14 20.54 6.06 -10.43
CA GLY D 14 19.83 5.78 -9.17
C GLY D 14 20.10 4.35 -8.71
N LEU D 15 21.36 3.97 -8.64
CA LEU D 15 21.76 2.62 -8.21
C LEU D 15 21.48 2.49 -6.71
N ARG D 16 21.37 1.26 -6.28
CA ARG D 16 21.33 0.92 -4.86
C ARG D 16 22.47 1.64 -4.14
N CYS D 17 22.15 2.27 -3.02
CA CYS D 17 23.13 2.97 -2.18
C CYS D 17 24.14 1.96 -1.61
N GLU D 18 25.43 2.27 -1.69
CA GLU D 18 26.47 1.46 -1.05
C GLU D 18 27.32 2.37 -0.15
N TRP D 19 26.72 3.45 0.36
CA TRP D 19 27.35 4.42 1.29
C TRP D 19 27.86 3.67 2.52
N GLN D 20 27.02 2.82 3.10
CA GLN D 20 27.41 2.06 4.30
C GLN D 20 28.40 0.98 3.86
N ASN D 21 27.97 0.04 3.01
CA ASN D 21 28.91 -0.84 2.25
C ASN D 21 28.15 -1.41 1.06
N ASN D 22 28.77 -2.30 0.29
CA ASN D 22 28.16 -2.81 -0.96
C ASN D 22 26.90 -3.60 -0.63
N TYR D 23 26.75 -4.14 0.58
CA TYR D 23 25.56 -4.95 0.94
C TYR D 23 24.63 -4.15 1.88
N THR D 24 24.90 -2.86 2.14
CA THR D 24 24.11 -2.03 3.10
C THR D 24 23.90 -0.61 2.56
N GLN D 25 22.65 -0.26 2.28
CA GLN D 25 22.23 1.15 1.97
C GLN D 25 22.38 1.96 3.26
N CYS D 26 22.68 3.24 3.17
CA CYS D 26 22.46 4.17 4.32
C CYS D 26 20.95 4.17 4.63
N ALA D 27 20.58 4.41 5.90
CA ALA D 27 19.15 4.38 6.30
C ALA D 27 18.36 5.41 5.50
N PRO D 28 18.88 6.62 5.26
CA PRO D 28 18.12 7.62 4.51
C PRO D 28 17.76 7.18 3.08
N CYS D 29 18.72 6.67 2.30
CA CYS D 29 18.43 6.12 0.93
C CYS D 29 17.41 4.98 1.02
N ALA D 30 17.57 4.02 1.93
CA ALA D 30 16.63 2.87 2.03
C ALA D 30 15.21 3.39 2.29
N SER D 31 15.08 4.45 3.08
CA SER D 31 13.78 5.05 3.51
C SER D 31 13.05 5.75 2.34
N LEU D 32 13.71 5.94 1.19
CA LEU D 32 13.05 6.47 -0.05
C LEU D 32 12.08 5.42 -0.58
N SER D 33 12.40 4.14 -0.44
CA SER D 33 11.64 3.05 -1.10
C SER D 33 10.72 2.36 -0.09
N SER D 34 11.07 2.36 1.20
CA SER D 34 10.38 1.51 2.19
C SER D 34 10.44 2.16 3.57
N CYS D 35 9.36 2.02 4.33
CA CYS D 35 9.17 2.70 5.62
C CYS D 35 10.06 2.08 6.68
N PRO D 36 10.90 2.90 7.37
CA PRO D 36 11.79 2.40 8.41
C PRO D 36 11.05 2.02 9.72
N VAL D 37 9.75 2.28 9.80
CA VAL D 37 8.92 1.86 10.96
C VAL D 37 8.34 0.47 10.66
N CYS D 38 7.59 0.30 9.55
CA CYS D 38 6.80 -0.94 9.30
C CYS D 38 7.51 -1.85 8.29
N TYR D 39 8.59 -1.39 7.68
CA TYR D 39 9.43 -2.14 6.70
C TYR D 39 8.62 -2.56 5.47
N ARG D 40 7.64 -1.76 5.06
CA ARG D 40 6.85 -2.00 3.84
C ARG D 40 7.20 -0.97 2.76
N ASN D 41 7.24 -1.41 1.52
CA ASN D 41 7.43 -0.53 0.35
C ASN D 41 6.26 0.46 0.29
N TYR D 42 6.52 1.71 -0.05
CA TYR D 42 5.46 2.75 -0.20
C TYR D 42 4.53 2.41 -1.37
N ARG D 43 3.27 2.85 -1.27
CA ARG D 43 2.35 3.00 -2.43
C ARG D 43 2.42 4.45 -2.91
N GLU D 44 2.05 4.71 -4.17
CA GLU D 44 2.05 6.07 -4.74
C GLU D 44 1.08 6.99 -3.96
N GLU D 45 0.05 6.43 -3.31
CA GLU D 45 -0.99 7.19 -2.55
C GLU D 45 -0.45 7.61 -1.17
N ASP D 46 0.69 7.05 -0.74
CA ASP D 46 1.11 7.11 0.67
C ASP D 46 1.52 8.54 1.03
N LEU D 47 1.05 9.01 2.18
CA LEU D 47 1.51 10.26 2.77
C LEU D 47 2.81 9.95 3.51
N ILE D 48 3.85 10.68 3.20
CA ILE D 48 5.20 10.42 3.78
C ILE D 48 5.80 11.75 4.21
N LEU D 49 6.70 11.71 5.17
CA LEU D 49 7.41 12.91 5.64
C LEU D 49 8.77 12.49 6.13
N GLN D 50 9.65 13.48 6.27
CA GLN D 50 11.08 13.28 6.48
C GLN D 50 11.44 13.88 7.83
N CYS D 51 12.06 13.07 8.68
CA CYS D 51 12.54 13.48 10.00
C CYS D 51 13.77 14.38 9.82
N ARG D 52 13.84 15.48 10.55
CA ARG D 52 15.02 16.40 10.51
C ARG D 52 16.19 15.83 11.30
N GLN D 53 15.96 14.87 12.20
CA GLN D 53 17.03 14.29 13.08
C GLN D 53 17.76 13.13 12.38
N CYS D 54 17.05 12.25 11.67
CA CYS D 54 17.68 11.01 11.14
C CYS D 54 17.66 11.01 9.62
N ASP D 55 17.06 12.03 9.00
CA ASP D 55 17.05 12.23 7.52
C ASP D 55 16.17 11.17 6.83
N ARG D 56 15.44 10.36 7.56
CA ARG D 56 14.63 9.26 6.94
C ARG D 56 13.23 9.73 6.59
N TRP D 57 12.75 9.28 5.44
CA TRP D 57 11.32 9.27 5.06
C TRP D 57 10.61 8.15 5.81
N MET D 58 9.33 8.31 6.08
CA MET D 58 8.51 7.24 6.66
C MET D 58 7.04 7.53 6.38
N HIS D 59 6.19 6.55 6.56
CA HIS D 59 4.72 6.74 6.51
C HIS D 59 4.28 7.74 7.59
N ALA D 60 3.45 8.70 7.22
CA ALA D 60 2.71 9.56 8.17
C ALA D 60 1.99 8.66 9.18
N VAL D 61 1.30 7.63 8.70
CA VAL D 61 0.43 6.77 9.54
C VAL D 61 1.28 6.01 10.57
N CYS D 62 2.53 5.68 10.27
CA CYS D 62 3.43 4.94 11.19
C CYS D 62 4.00 5.88 12.28
N GLN D 63 3.60 7.16 12.26
CA GLN D 63 3.92 8.17 13.30
C GLN D 63 2.62 8.79 13.83
N ASN D 64 1.47 8.19 13.53
CA ASN D 64 0.12 8.60 13.99
C ASN D 64 -0.25 9.98 13.44
N LEU D 65 0.16 10.31 12.21
CA LEU D 65 -0.23 11.51 11.45
C LEU D 65 -1.02 11.05 10.21
N ASN D 66 -2.34 11.24 10.18
CA ASN D 66 -3.22 10.52 9.23
C ASN D 66 -3.58 11.37 8.02
N THR D 67 -3.29 12.68 8.05
CA THR D 67 -3.83 13.68 7.09
C THR D 67 -2.72 14.63 6.65
N GLU D 68 -2.87 15.18 5.44
CA GLU D 68 -2.03 16.28 4.94
C GLU D 68 -2.05 17.42 5.95
N GLU D 69 -3.20 17.65 6.60
CA GLU D 69 -3.34 18.74 7.62
C GLU D 69 -2.29 18.52 8.72
N GLU D 70 -2.25 17.30 9.29
N GLU D 70 -2.29 17.32 9.32
CA GLU D 70 -1.34 16.96 10.40
CA GLU D 70 -1.35 16.92 10.40
C GLU D 70 0.11 16.98 9.93
C GLU D 70 0.09 17.05 9.90
N VAL D 71 0.40 16.48 8.73
CA VAL D 71 1.80 16.47 8.17
C VAL D 71 2.26 17.92 7.93
N GLU D 72 1.42 18.77 7.34
CA GLU D 72 1.78 20.17 7.05
C GLU D 72 2.01 20.88 8.38
N ASN D 73 1.24 20.52 9.42
CA ASN D 73 1.33 21.18 10.74
C ASN D 73 2.66 20.79 11.41
N VAL D 74 3.08 19.54 11.35
CA VAL D 74 4.39 19.17 11.98
C VAL D 74 5.55 19.72 11.14
N ALA D 75 5.45 19.72 9.82
CA ALA D 75 6.45 20.33 8.89
C ALA D 75 6.68 21.81 9.24
N ASP D 76 5.65 22.52 9.69
CA ASP D 76 5.70 23.97 10.07
C ASP D 76 6.77 24.20 11.15
N ILE D 77 6.95 23.24 12.07
CA ILE D 77 7.79 23.43 13.28
C ILE D 77 9.04 22.57 13.21
N GLY D 78 9.14 21.62 12.27
CA GLY D 78 10.26 20.66 12.20
C GLY D 78 9.87 19.30 12.78
N PHE D 79 9.94 18.26 11.97
CA PHE D 79 9.48 16.92 12.35
C PHE D 79 10.61 16.13 13.00
N ASP D 80 10.40 15.74 14.26
CA ASP D 80 11.27 14.82 15.02
C ASP D 80 10.52 13.51 15.23
N CYS D 81 10.99 12.44 14.62
CA CYS D 81 10.26 11.16 14.55
C CYS D 81 10.38 10.44 15.88
N SER D 82 9.48 9.48 16.09
CA SER D 82 9.38 8.66 17.33
C SER D 82 10.69 7.95 17.62
N MET D 83 11.40 7.47 16.59
N MET D 83 11.41 7.52 16.58
CA MET D 83 12.69 6.73 16.78
CA MET D 83 12.66 6.73 16.67
C MET D 83 13.76 7.69 17.31
C MET D 83 13.82 7.64 17.15
N CYS D 84 13.75 8.95 16.88
CA CYS D 84 14.74 9.96 17.32
C CYS D 84 14.34 10.58 18.67
N ARG D 85 13.08 10.39 19.11
CA ARG D 85 12.58 10.81 20.45
C ARG D 85 12.54 9.59 21.37
N GLY E 14 -33.42 -0.54 -9.80
CA GLY E 14 -33.56 -1.25 -8.50
C GLY E 14 -34.68 -2.28 -8.51
N ALA E 15 -35.59 -2.21 -9.50
CA ALA E 15 -36.80 -3.05 -9.61
C ALA E 15 -37.17 -3.22 -11.09
N LYS E 16 -37.46 -4.44 -11.49
CA LYS E 16 -37.87 -4.75 -12.88
C LYS E 16 -38.72 -6.01 -12.87
N ARG E 17 -39.29 -6.32 -14.03
CA ARG E 17 -39.86 -7.65 -14.33
C ARG E 17 -38.83 -8.42 -15.15
N HIS E 18 -38.62 -9.68 -14.80
CA HIS E 18 -37.68 -10.58 -15.49
C HIS E 18 -38.17 -10.84 -16.92
N ARG E 19 -37.32 -10.65 -17.92
CA ARG E 19 -37.65 -10.90 -19.36
C ARG E 19 -36.43 -11.47 -20.07
N GLY F 14 35.12 1.11 5.86
CA GLY F 14 34.52 1.74 7.07
C GLY F 14 35.54 2.48 7.92
N ALA F 15 36.80 2.58 7.46
CA ALA F 15 37.88 3.34 8.10
C ALA F 15 38.86 3.82 7.04
N LYS F 16 39.28 5.07 7.15
CA LYS F 16 40.20 5.71 6.20
C LYS F 16 40.84 6.91 6.86
N ARG F 17 41.75 7.57 6.14
CA ARG F 17 42.28 8.91 6.48
C ARG F 17 41.67 9.92 5.53
N HIS F 18 41.22 11.05 6.06
CA HIS F 18 40.65 12.17 5.28
C HIS F 18 41.71 12.70 4.31
N ARG F 19 41.39 12.85 3.03
CA ARG F 19 42.33 13.37 1.98
C ARG F 19 41.55 14.15 0.93
#